data_1LWA
#
_entry.id   1LWA
#
loop_
_entity.id
_entity.type
_entity.pdbx_description
1 polymer "5'-D(*GP*GP*GP*GP*TP*GP*AP*TP*TP*GP*TP*TP*CP*AP*G)-3'"
2 polymer "5'-D(*CP*TP*GP*AP*AP*CP*AP*AP*TP*CP*AP*CP*CP*CP*C)-3'"
#
loop_
_entity_poly.entity_id
_entity_poly.type
_entity_poly.pdbx_seq_one_letter_code
_entity_poly.pdbx_strand_id
1 'polydeoxyribonucleotide' (DG)(DG)(DG)(DG)(DT)(DG)(DA)(DT)(DT)(DG)(DT)(DT)(DC)(DA)(DG) A
2 'polydeoxyribonucleotide' (DC)(DT)(DG)(DA)(DA)(DC)(DA)(DA)(DT)(DC)(DA)(DC)(DC)(DC)(DC) B
#